data_9B9W
#
_entry.id   9B9W
#
_cell.length_a   79.895
_cell.length_b   83.533
_cell.length_c   130.828
_cell.angle_alpha   90.000
_cell.angle_beta   90.000
_cell.angle_gamma   90.000
#
_symmetry.space_group_name_H-M   'P 21 21 21'
#
loop_
_entity.id
_entity.type
_entity.pdbx_description
1 polymer 'WD repeat-containing protein 5'
2 polymer 'DDB1- and CUL4-associated factor 1'
3 non-polymer "(4P)-N-[(1R)-3-amino-1-(3-chloro-4-fluorophenyl)-3-oxopropyl]-4-(4-chloro-2-fluorophenyl)-5-[(25E)-1-{(1P)-6-fluoro-3'-[4-fluoro-2-(trifluoromethyl)benzamido]-4'-[(3R,5S)-3,4,5-trimethylpiperazin-1-yl][1,1'-biphenyl]-3-yl}-1,24-dioxo-5,8,11,14,17,20-hexaoxa-2,23-diazahexacos-25-en-26-yl]-1H-pyrrole-3-carboxamide"
4 water water
#
loop_
_entity_poly.entity_id
_entity_poly.type
_entity_poly.pdbx_seq_one_letter_code
_entity_poly.pdbx_strand_id
1 'polypeptide(L)'
;MHHHHHHSSGRENLYFQGTQSKPTPVKPNYALKFTLAGHTKAVSSVKFSPNGEWLASSSADKLIKIWGAYDGKFEKTISG
HKLGISDVAWSSDSNLLVSASDDKTLKIWDVSSGKCLKTLKGHSNYVFCCNFNPQSNLIVSGSFDESVRIWDVKTGKCLK
TLPAHSDPVSAVHFNRDGSLIVSSSYDGLCRIWDTASGQCLKTLIDDDNPPVSFVKFSPNGKYILAATLDNTLKLWDYSK
GKCLKTYTGHKNEKYCIFANFSVTGGKWIVSGSEDNLVYIWNLQTKEIVQKLQGHTDVVISTACHPTENIIASAALENDK
TIKLWKSDC
;
A
2 'polypeptide(L)'
;MGSSHHHHHHSSGRENLYFQGSSRASAFRPISVFREANEDESGFTCCAFSARERFLMLGTCTGQLKLYNVFSGQEEASYN
CHNSAITHLEPSRDGSLLLTSATWSQPLSALWGMKSVFDMKHSFTEDHYVEFSKHSQDRVIGTKGDIAHIYDIQTGNKLL
TLFNPDLANNYKRNCATFNPTDDLVLNDGVLWDVRSAQAIHKFDKFNMNISGVFHPNGLEVIINTEIWDLRTFHLLHTVP
ALDQCRVVFNHTGTVMYGAMLQADDEDDLMEERMKSPFGSSFRTFNATDYKPIATIDVKRNIFDLCTDTKDCYLAVIENQ
GSMDALNMDTVCRLYEVG
;
B
#
# COMPACT_ATOMS: atom_id res chain seq x y z
N VAL A 26 -33.61 17.33 -16.39
CA VAL A 26 -32.50 18.27 -16.49
C VAL A 26 -31.17 17.64 -16.11
N LYS A 27 -30.10 18.28 -16.58
CA LYS A 27 -28.74 17.96 -16.23
C LYS A 27 -28.05 19.23 -15.74
N PRO A 28 -27.08 19.11 -14.85
CA PRO A 28 -26.28 20.29 -14.49
C PRO A 28 -25.37 20.66 -15.64
N ASN A 29 -24.75 21.82 -15.55
CA ASN A 29 -23.81 22.24 -16.58
C ASN A 29 -22.56 22.79 -15.94
N TYR A 30 -22.00 22.03 -15.00
CA TYR A 30 -20.77 22.45 -14.35
C TYR A 30 -19.70 22.78 -15.38
N ALA A 31 -19.05 23.92 -15.18
CA ALA A 31 -17.95 24.33 -16.02
C ALA A 31 -16.81 24.82 -15.13
N LEU A 32 -15.59 24.67 -15.63
CA LEU A 32 -14.41 24.99 -14.87
C LEU A 32 -14.26 26.50 -14.69
N LYS A 33 -14.12 26.95 -13.43
CA LYS A 33 -13.93 28.36 -13.12
C LYS A 33 -12.52 28.68 -12.65
N PHE A 34 -11.94 27.86 -11.77
CA PHE A 34 -10.58 28.11 -11.29
C PHE A 34 -9.84 26.79 -11.14
N THR A 35 -8.53 26.84 -11.37
CA THR A 35 -7.62 25.76 -11.02
C THR A 35 -6.68 26.29 -9.96
N LEU A 36 -6.63 25.63 -8.81
CA LEU A 36 -5.85 26.06 -7.65
C LEU A 36 -4.57 25.26 -7.62
N ALA A 37 -3.44 25.93 -7.83
CA ALA A 37 -2.16 25.26 -7.84
C ALA A 37 -1.34 25.75 -6.65
N GLY A 38 -0.55 24.87 -6.06
CA GLY A 38 0.22 25.25 -4.90
C GLY A 38 0.75 24.08 -4.10
N HIS A 39 -0.04 23.01 -3.94
CA HIS A 39 0.51 21.80 -3.33
C HIS A 39 1.55 21.19 -4.26
N THR A 40 2.58 20.59 -3.66
CA THR A 40 3.68 20.02 -4.43
C THR A 40 3.65 18.49 -4.49
N LYS A 41 2.62 17.88 -3.91
CA LYS A 41 2.37 16.45 -4.04
C LYS A 41 0.87 16.26 -4.24
N ALA A 42 0.46 14.99 -4.35
CA ALA A 42 -0.95 14.65 -4.50
C ALA A 42 -1.81 15.43 -3.51
N VAL A 43 -2.95 15.90 -3.97
CA VAL A 43 -3.94 16.54 -3.10
C VAL A 43 -4.94 15.48 -2.66
N SER A 44 -5.06 15.27 -1.35
CA SER A 44 -5.82 14.13 -0.84
C SER A 44 -7.28 14.48 -0.54
N SER A 45 -7.58 15.70 -0.12
CA SER A 45 -8.94 15.98 0.34
C SER A 45 -9.22 17.46 0.23
N VAL A 46 -10.42 17.81 -0.26
CA VAL A 46 -10.89 19.18 -0.29
C VAL A 46 -12.25 19.23 0.39
N LYS A 47 -12.47 20.26 1.22
CA LYS A 47 -13.69 20.41 1.99
C LYS A 47 -14.08 21.88 2.04
N PHE A 48 -15.34 22.18 1.75
CA PHE A 48 -15.85 23.54 1.90
C PHE A 48 -16.18 23.79 3.36
N SER A 49 -15.85 24.97 3.85
CA SER A 49 -16.28 25.33 5.19
C SER A 49 -17.81 25.34 5.22
N PRO A 50 -18.42 24.94 6.34
CA PRO A 50 -19.89 25.00 6.42
C PRO A 50 -20.48 26.37 6.16
N ASN A 51 -19.78 27.46 6.51
CA ASN A 51 -20.30 28.78 6.19
C ASN A 51 -20.04 29.19 4.73
N GLY A 52 -19.48 28.30 3.92
CA GLY A 52 -19.42 28.54 2.49
C GLY A 52 -18.32 29.47 2.03
N GLU A 53 -17.54 30.04 2.94
CA GLU A 53 -16.53 31.03 2.57
C GLU A 53 -15.23 30.41 2.07
N TRP A 54 -14.86 29.22 2.57
CA TRP A 54 -13.51 28.71 2.39
C TRP A 54 -13.52 27.29 1.84
N LEU A 55 -12.44 26.96 1.14
CA LEU A 55 -12.07 25.60 0.80
C LEU A 55 -10.79 25.25 1.54
N ALA A 56 -10.78 24.10 2.21
CA ALA A 56 -9.56 23.59 2.82
C ALA A 56 -9.08 22.41 2.00
N SER A 57 -7.78 22.29 1.83
CA SER A 57 -7.20 21.16 1.12
C SER A 57 -6.06 20.57 1.94
N SER A 58 -5.92 19.24 1.88
CA SER A 58 -4.81 18.54 2.49
C SER A 58 -4.03 17.82 1.39
N SER A 59 -2.77 17.49 1.67
CA SER A 59 -1.93 16.96 0.61
C SER A 59 -0.89 16.01 1.19
N ALA A 60 -0.42 15.12 0.32
CA ALA A 60 0.77 14.34 0.62
C ALA A 60 1.97 15.23 0.92
N ASP A 61 1.92 16.51 0.57
CA ASP A 61 3.06 17.37 0.86
C ASP A 61 3.09 17.83 2.30
N LYS A 62 2.25 17.25 3.17
CA LYS A 62 2.20 17.50 4.61
C LYS A 62 1.52 18.81 4.95
N LEU A 63 0.88 19.48 4.00
CA LEU A 63 0.38 20.82 4.20
C LEU A 63 -1.14 20.86 4.07
N ILE A 64 -1.75 21.76 4.82
CA ILE A 64 -3.14 22.15 4.64
C ILE A 64 -3.13 23.53 4.02
N LYS A 65 -4.00 23.76 3.05
CA LYS A 65 -4.12 25.08 2.45
C LYS A 65 -5.57 25.51 2.45
N ILE A 66 -5.78 26.80 2.67
CA ILE A 66 -7.09 27.41 2.72
C ILE A 66 -7.21 28.31 1.51
N TRP A 67 -8.36 28.25 0.83
CA TRP A 67 -8.60 29.00 -0.39
C TRP A 67 -9.98 29.64 -0.32
N GLY A 68 -10.12 30.78 -0.99
CA GLY A 68 -11.43 31.39 -1.12
C GLY A 68 -12.36 30.53 -1.95
N ALA A 69 -13.56 30.26 -1.43
CA ALA A 69 -14.42 29.29 -2.10
C ALA A 69 -15.04 29.84 -3.36
N TYR A 70 -15.20 31.17 -3.45
CA TYR A 70 -15.83 31.78 -4.61
C TYR A 70 -14.84 32.29 -5.63
N ASP A 71 -13.66 32.74 -5.19
CA ASP A 71 -12.66 33.26 -6.11
C ASP A 71 -11.45 32.36 -6.26
N GLY A 72 -11.39 31.25 -5.52
CA GLY A 72 -10.24 30.37 -5.62
C GLY A 72 -8.94 30.98 -5.19
N LYS A 73 -8.97 32.09 -4.45
CA LYS A 73 -7.75 32.82 -4.10
C LYS A 73 -7.07 32.16 -2.90
N PHE A 74 -5.78 31.88 -3.03
CA PHE A 74 -5.04 31.30 -1.92
C PHE A 74 -5.11 32.22 -0.71
N GLU A 75 -5.27 31.61 0.46
CA GLU A 75 -5.39 32.37 1.70
C GLU A 75 -4.22 32.11 2.65
N LYS A 76 -3.94 30.85 2.96
CA LYS A 76 -2.87 30.58 3.91
C LYS A 76 -2.51 29.11 3.85
N THR A 77 -1.33 28.81 4.37
CA THR A 77 -0.83 27.46 4.53
C THR A 77 -0.75 27.13 6.02
N ILE A 78 -1.23 25.94 6.38
CA ILE A 78 -1.19 25.46 7.76
C ILE A 78 -0.29 24.23 7.78
N SER A 79 0.67 24.21 8.70
CA SER A 79 1.71 23.19 8.70
C SER A 79 1.98 22.69 10.11
N GLY A 80 2.49 21.45 10.18
CA GLY A 80 2.84 20.82 11.44
C GLY A 80 2.91 19.31 11.36
N HIS A 81 2.08 18.68 10.52
CA HIS A 81 2.18 17.23 10.38
C HIS A 81 3.57 16.86 9.87
N LYS A 82 4.04 15.68 10.28
CA LYS A 82 5.37 15.23 9.93
C LYS A 82 5.42 14.41 8.65
N LEU A 83 4.27 13.91 8.19
CA LEU A 83 4.17 13.12 6.97
C LEU A 83 2.89 13.53 6.26
N GLY A 84 2.64 12.91 5.09
CA GLY A 84 1.50 13.25 4.27
C GLY A 84 0.18 13.26 5.03
N ILE A 85 -0.76 14.08 4.57
CA ILE A 85 -2.08 14.20 5.17
C ILE A 85 -3.08 13.54 4.24
N SER A 86 -3.93 12.68 4.81
CA SER A 86 -4.94 11.93 4.10
C SER A 86 -6.28 12.65 4.02
N ASP A 87 -6.64 13.43 5.04
CA ASP A 87 -7.99 13.95 5.11
C ASP A 87 -7.99 15.19 5.99
N VAL A 88 -8.98 16.04 5.76
N VAL A 88 -8.99 16.03 5.77
CA VAL A 88 -9.18 17.24 6.58
CA VAL A 88 -9.17 17.23 6.60
C VAL A 88 -10.68 17.48 6.67
C VAL A 88 -10.67 17.44 6.69
N ALA A 89 -11.11 18.05 7.81
CA ALA A 89 -12.52 18.31 8.01
C ALA A 89 -12.73 19.54 8.88
N TRP A 90 -13.84 20.24 8.65
CA TRP A 90 -14.21 21.47 9.34
C TRP A 90 -15.11 21.21 10.56
N SER A 91 -14.94 22.04 11.59
CA SER A 91 -15.95 22.09 12.65
C SER A 91 -17.21 22.81 12.14
N SER A 92 -18.33 22.57 12.82
CA SER A 92 -19.60 23.07 12.33
CA SER A 92 -19.60 23.07 12.33
C SER A 92 -19.63 24.60 12.26
N ASP A 93 -18.81 25.27 13.06
CA ASP A 93 -18.80 26.72 13.05
C ASP A 93 -17.70 27.30 12.16
N SER A 94 -17.03 26.47 11.35
CA SER A 94 -16.01 26.90 10.39
C SER A 94 -14.77 27.48 11.06
N ASN A 95 -14.59 27.29 12.36
CA ASN A 95 -13.43 27.89 12.99
C ASN A 95 -12.29 26.92 13.20
N LEU A 96 -12.55 25.62 13.22
CA LEU A 96 -11.53 24.61 13.49
C LEU A 96 -11.41 23.67 12.31
N LEU A 97 -10.21 23.10 12.15
CA LEU A 97 -10.00 21.96 11.26
C LEU A 97 -9.45 20.80 12.07
N VAL A 98 -9.71 19.60 11.57
CA VAL A 98 -9.01 18.41 12.02
C VAL A 98 -8.41 17.76 10.78
N SER A 99 -7.21 17.21 10.93
CA SER A 99 -6.53 16.52 9.85
C SER A 99 -6.04 15.16 10.35
N ALA A 100 -5.93 14.22 9.40
CA ALA A 100 -5.54 12.84 9.66
C ALA A 100 -4.31 12.53 8.82
N SER A 101 -3.25 12.00 9.45
CA SER A 101 -1.95 11.96 8.79
C SER A 101 -1.30 10.58 8.86
N ASP A 102 -0.45 10.30 7.85
CA ASP A 102 0.47 9.16 7.89
C ASP A 102 1.37 9.18 9.12
N ASP A 103 1.55 10.32 9.77
CA ASP A 103 2.39 10.33 10.95
C ASP A 103 1.69 9.74 12.17
N LYS A 104 0.53 9.10 11.99
CA LYS A 104 -0.17 8.36 13.04
C LYS A 104 -0.96 9.29 13.96
N THR A 105 -0.98 10.59 13.71
CA THR A 105 -1.73 11.50 14.57
C THR A 105 -2.83 12.18 13.77
N LEU A 106 -3.79 12.74 14.49
CA LEU A 106 -4.63 13.79 13.98
C LEU A 106 -4.24 15.09 14.68
N LYS A 107 -4.52 16.21 14.02
CA LYS A 107 -4.25 17.52 14.59
C LYS A 107 -5.49 18.39 14.48
N ILE A 108 -5.79 19.10 15.56
CA ILE A 108 -6.88 20.07 15.60
C ILE A 108 -6.24 21.44 15.43
N TRP A 109 -6.80 22.25 14.51
CA TRP A 109 -6.22 23.51 14.11
C TRP A 109 -7.20 24.64 14.34
N ASP A 110 -6.71 25.77 14.84
CA ASP A 110 -7.49 26.99 14.81
C ASP A 110 -7.22 27.63 13.47
N VAL A 111 -8.24 27.74 12.62
CA VAL A 111 -7.98 28.11 11.24
C VAL A 111 -7.49 29.55 11.14
N SER A 112 -8.11 30.47 11.88
CA SER A 112 -7.75 31.88 11.72
C SER A 112 -6.31 32.13 12.14
N SER A 113 -5.84 31.50 13.22
CA SER A 113 -4.45 31.65 13.64
C SER A 113 -3.50 30.64 13.02
N GLY A 114 -4.02 29.56 12.43
CA GLY A 114 -3.16 28.53 11.88
C GLY A 114 -2.43 27.68 12.89
N LYS A 115 -2.74 27.79 14.17
CA LYS A 115 -2.01 27.07 15.18
C LYS A 115 -2.61 25.70 15.44
N CYS A 116 -1.75 24.74 15.79
CA CYS A 116 -2.18 23.41 16.23
C CYS A 116 -2.60 23.47 17.69
N LEU A 117 -3.89 23.28 17.95
CA LEU A 117 -4.41 23.29 19.31
C LEU A 117 -4.17 21.96 20.02
N LYS A 118 -4.35 20.85 19.32
CA LYS A 118 -4.17 19.54 19.93
C LYS A 118 -3.59 18.58 18.90
N THR A 119 -2.80 17.64 19.37
CA THR A 119 -2.35 16.50 18.58
C THR A 119 -2.91 15.24 19.21
N LEU A 120 -3.73 14.50 18.45
CA LEU A 120 -4.42 13.31 18.95
C LEU A 120 -3.56 12.09 18.66
N LYS A 121 -3.03 11.48 19.72
CA LYS A 121 -2.13 10.35 19.60
C LYS A 121 -2.82 9.12 20.15
N GLY A 122 -2.65 8.00 19.47
CA GLY A 122 -3.35 6.80 19.87
C GLY A 122 -3.31 5.74 18.79
N HIS A 123 -3.61 6.12 17.55
CA HIS A 123 -3.54 5.16 16.46
C HIS A 123 -2.12 4.61 16.33
N SER A 124 -2.03 3.36 15.93
CA SER A 124 -0.74 2.69 15.80
C SER A 124 -0.24 2.67 14.37
N ASN A 125 -0.94 3.35 13.46
CA ASN A 125 -0.53 3.41 12.07
C ASN A 125 -1.27 4.55 11.39
N TYR A 126 -1.06 4.70 10.09
CA TYR A 126 -1.57 5.88 9.37
C TYR A 126 -3.05 6.13 9.67
N VAL A 127 -3.40 7.40 9.86
CA VAL A 127 -4.78 7.83 10.01
C VAL A 127 -5.27 8.31 8.64
N PHE A 128 -6.39 7.74 8.17
CA PHE A 128 -6.86 8.01 6.81
C PHE A 128 -8.04 8.96 6.74
N CYS A 129 -8.85 9.05 7.80
CA CYS A 129 -10.13 9.72 7.66
C CYS A 129 -10.50 10.36 9.00
N CYS A 130 -11.23 11.47 8.93
CA CYS A 130 -11.60 12.18 10.16
C CYS A 130 -12.83 13.03 9.92
N ASN A 131 -13.48 13.40 11.01
CA ASN A 131 -14.69 14.23 10.94
C ASN A 131 -15.05 14.70 12.33
N PHE A 132 -15.55 15.94 12.44
CA PHE A 132 -16.22 16.38 13.67
C PHE A 132 -17.64 15.86 13.71
N ASN A 133 -18.18 15.71 14.92
CA ASN A 133 -19.63 15.56 15.00
C ASN A 133 -20.28 16.93 14.83
N PRO A 134 -21.60 16.96 14.58
CA PRO A 134 -22.26 18.26 14.41
C PRO A 134 -22.12 19.16 15.64
N GLN A 135 -22.18 18.59 16.83
CA GLN A 135 -21.93 19.35 18.06
C GLN A 135 -20.51 19.88 18.12
N SER A 136 -19.58 19.25 17.40
CA SER A 136 -18.18 19.65 17.32
C SER A 136 -17.45 19.51 18.64
N ASN A 137 -17.91 18.64 19.53
CA ASN A 137 -17.15 18.32 20.74
C ASN A 137 -16.46 16.97 20.63
N LEU A 138 -16.70 16.24 19.55
CA LEU A 138 -16.05 14.97 19.28
C LEU A 138 -15.42 14.99 17.89
N ILE A 139 -14.35 14.22 17.74
CA ILE A 139 -13.79 13.86 16.43
C ILE A 139 -13.80 12.34 16.33
N VAL A 140 -14.13 11.82 15.15
CA VAL A 140 -14.04 10.39 14.86
C VAL A 140 -12.93 10.21 13.84
N SER A 141 -12.16 9.13 13.98
CA SER A 141 -11.03 8.88 13.08
C SER A 141 -11.01 7.41 12.71
N GLY A 142 -10.46 7.13 11.52
CA GLY A 142 -10.26 5.75 11.07
C GLY A 142 -8.84 5.60 10.54
N SER A 143 -8.32 4.38 10.65
CA SER A 143 -6.88 4.16 10.53
C SER A 143 -6.57 2.85 9.81
N PHE A 144 -5.40 2.83 9.18
CA PHE A 144 -4.81 1.59 8.69
C PHE A 144 -4.77 0.53 9.79
N ASP A 145 -4.71 0.96 11.06
CA ASP A 145 -4.65 0.04 12.19
C ASP A 145 -5.98 -0.65 12.45
N GLU A 146 -7.00 -0.41 11.64
CA GLU A 146 -8.27 -1.13 11.59
C GLU A 146 -9.21 -0.67 12.71
N SER A 147 -8.85 0.34 13.48
CA SER A 147 -9.71 0.86 14.52
C SER A 147 -10.41 2.14 14.05
N VAL A 148 -11.54 2.42 14.69
CA VAL A 148 -12.16 3.74 14.70
C VAL A 148 -11.99 4.28 16.11
N ARG A 149 -11.58 5.54 16.22
CA ARG A 149 -11.38 6.18 17.52
C ARG A 149 -12.25 7.42 17.61
N ILE A 150 -12.72 7.68 18.83
CA ILE A 150 -13.54 8.84 19.15
C ILE A 150 -12.78 9.67 20.17
N TRP A 151 -12.65 10.98 19.89
CA TRP A 151 -11.74 11.85 20.62
C TRP A 151 -12.50 13.02 21.21
N ASP A 152 -12.03 13.48 22.37
CA ASP A 152 -12.57 14.68 23.00
C ASP A 152 -11.89 15.90 22.38
N VAL A 153 -12.65 16.72 21.66
CA VAL A 153 -12.07 17.89 20.99
C VAL A 153 -11.35 18.79 22.00
N LYS A 154 -11.95 18.96 23.18
CA LYS A 154 -11.45 19.97 24.11
C LYS A 154 -10.27 19.48 24.92
N THR A 155 -10.19 18.18 25.19
CA THR A 155 -9.05 17.64 25.92
C THR A 155 -7.99 17.04 25.01
N GLY A 156 -8.34 16.72 23.76
CA GLY A 156 -7.42 16.01 22.88
C GLY A 156 -7.23 14.56 23.24
N LYS A 157 -8.04 14.02 24.15
CA LYS A 157 -7.88 12.68 24.65
C LYS A 157 -8.78 11.73 23.87
N CYS A 158 -8.32 10.50 23.71
CA CYS A 158 -9.13 9.47 23.06
C CYS A 158 -10.18 8.98 24.04
N LEU A 159 -11.45 9.09 23.66
CA LEU A 159 -12.51 8.64 24.56
C LEU A 159 -12.84 7.16 24.37
N LYS A 160 -12.84 6.68 23.12
CA LYS A 160 -13.18 5.31 22.81
C LYS A 160 -12.34 4.82 21.64
N THR A 161 -11.93 3.55 21.70
CA THR A 161 -11.30 2.86 20.57
C THR A 161 -12.21 1.72 20.15
N LEU A 162 -12.76 1.79 18.94
CA LEU A 162 -13.64 0.73 18.46
C LEU A 162 -12.85 -0.32 17.70
N PRO A 163 -12.99 -1.59 18.00
CA PRO A 163 -12.37 -2.64 17.18
C PRO A 163 -13.20 -2.84 15.91
N ALA A 164 -13.18 -1.80 15.07
CA ALA A 164 -14.27 -1.59 14.13
C ALA A 164 -14.27 -2.65 13.04
N HIS A 165 -13.10 -3.05 12.57
CA HIS A 165 -12.98 -3.76 11.32
C HIS A 165 -11.78 -4.69 11.39
N SER A 166 -11.68 -5.56 10.40
CA SER A 166 -10.57 -6.50 10.32
C SER A 166 -9.61 -6.16 9.18
N ASP A 167 -9.72 -4.97 8.60
CA ASP A 167 -8.81 -4.44 7.58
C ASP A 167 -8.81 -2.93 7.72
N PRO A 168 -7.95 -2.23 6.97
CA PRO A 168 -7.90 -0.77 7.10
C PRO A 168 -9.25 -0.08 6.91
N VAL A 169 -9.45 0.98 7.68
CA VAL A 169 -10.68 1.77 7.66
C VAL A 169 -10.50 2.92 6.68
N SER A 170 -11.45 3.07 5.75
CA SER A 170 -11.33 4.05 4.68
C SER A 170 -12.12 5.34 4.88
N ALA A 171 -13.16 5.33 5.71
CA ALA A 171 -13.96 6.53 5.90
C ALA A 171 -14.71 6.43 7.22
N VAL A 172 -14.98 7.59 7.83
CA VAL A 172 -15.80 7.66 9.05
C VAL A 172 -16.62 8.93 8.97
N HIS A 173 -17.86 8.90 9.47
CA HIS A 173 -18.76 10.04 9.30
C HIS A 173 -19.84 9.96 10.38
N PHE A 174 -20.14 11.10 11.01
CA PHE A 174 -21.29 11.21 11.91
C PHE A 174 -22.55 11.51 11.12
N ASN A 175 -23.69 11.05 11.65
CA ASN A 175 -24.97 11.39 11.05
C ASN A 175 -25.40 12.78 11.52
N ARG A 176 -26.56 13.24 11.05
CA ARG A 176 -26.89 14.66 11.18
C ARG A 176 -27.10 15.08 12.64
N ASP A 177 -27.51 14.16 13.53
CA ASP A 177 -27.66 14.52 14.93
C ASP A 177 -26.54 13.98 15.81
N GLY A 178 -25.50 13.40 15.21
CA GLY A 178 -24.33 12.96 15.94
C GLY A 178 -24.53 11.71 16.76
N SER A 179 -25.69 11.07 16.69
CA SER A 179 -25.91 9.86 17.49
C SER A 179 -25.29 8.62 16.86
N LEU A 180 -25.01 8.64 15.55
CA LEU A 180 -24.46 7.49 14.84
C LEU A 180 -23.17 7.86 14.13
N ILE A 181 -22.27 6.88 14.04
CA ILE A 181 -21.07 6.93 13.20
C ILE A 181 -21.16 5.81 12.19
N VAL A 182 -20.83 6.10 10.94
CA VAL A 182 -20.70 5.04 9.93
C VAL A 182 -19.23 4.92 9.55
N SER A 183 -18.78 3.68 9.33
CA SER A 183 -17.42 3.40 8.93
C SER A 183 -17.41 2.41 7.76
N SER A 184 -16.34 2.45 6.96
CA SER A 184 -16.18 1.58 5.83
C SER A 184 -14.76 1.03 5.86
N SER A 185 -14.57 -0.18 5.34
CA SER A 185 -13.27 -0.80 5.49
C SER A 185 -12.94 -1.66 4.28
N TYR A 186 -11.65 -1.89 4.10
CA TYR A 186 -11.22 -2.90 3.13
C TYR A 186 -11.74 -4.29 3.47
N ASP A 187 -12.29 -4.50 4.67
CA ASP A 187 -12.85 -5.82 4.97
C ASP A 187 -14.19 -6.06 4.27
N GLY A 188 -14.65 -5.13 3.45
CA GLY A 188 -15.87 -5.34 2.70
C GLY A 188 -17.13 -4.90 3.41
N LEU A 189 -17.03 -4.36 4.60
CA LEU A 189 -18.18 -4.06 5.43
C LEU A 189 -18.34 -2.55 5.60
N CYS A 190 -19.60 -2.11 5.69
N CYS A 190 -19.60 -2.15 5.77
CA CYS A 190 -19.93 -0.86 6.34
CA CYS A 190 -19.94 -0.84 6.31
C CYS A 190 -20.49 -1.20 7.71
C CYS A 190 -20.62 -1.08 7.65
N ARG A 191 -20.16 -0.38 8.70
CA ARG A 191 -20.67 -0.58 10.04
C ARG A 191 -21.17 0.74 10.61
N ILE A 192 -22.21 0.64 11.44
CA ILE A 192 -22.79 1.81 12.08
C ILE A 192 -22.63 1.64 13.59
N TRP A 193 -22.22 2.70 14.25
CA TRP A 193 -21.84 2.66 15.65
C TRP A 193 -22.63 3.69 16.44
N ASP A 194 -23.02 3.30 17.66
CA ASP A 194 -23.62 4.24 18.61
C ASP A 194 -22.54 5.14 19.18
N THR A 195 -22.65 6.45 18.95
CA THR A 195 -21.60 7.37 19.39
C THR A 195 -21.34 7.23 20.89
N ALA A 196 -22.41 7.19 21.68
CA ALA A 196 -22.26 7.27 23.12
C ALA A 196 -21.69 5.99 23.71
N SER A 197 -22.21 4.83 23.29
CA SER A 197 -21.80 3.57 23.87
C SER A 197 -20.64 2.91 23.12
N GLY A 198 -20.41 3.27 21.86
CA GLY A 198 -19.46 2.56 21.04
C GLY A 198 -19.94 1.23 20.52
N GLN A 199 -21.22 0.90 20.74
CA GLN A 199 -21.75 -0.38 20.29
C GLN A 199 -21.94 -0.39 18.77
N CYS A 200 -21.61 -1.52 18.14
CA CYS A 200 -21.93 -1.69 16.73
C CYS A 200 -23.43 -1.97 16.60
N LEU A 201 -24.12 -1.16 15.80
CA LEU A 201 -25.56 -1.28 15.63
C LEU A 201 -25.96 -1.82 14.27
N LYS A 202 -25.02 -1.98 13.35
CA LYS A 202 -25.41 -2.47 12.03
C LYS A 202 -24.15 -2.85 11.27
N THR A 203 -24.22 -3.98 10.56
CA THR A 203 -23.21 -4.36 9.57
C THR A 203 -23.91 -4.54 8.24
N LEU A 204 -23.53 -3.73 7.25
CA LEU A 204 -24.14 -3.82 5.93
C LEU A 204 -23.23 -4.62 5.02
N ILE A 205 -23.81 -5.59 4.32
CA ILE A 205 -23.08 -6.34 3.32
C ILE A 205 -24.07 -6.86 2.30
N ASP A 206 -23.71 -6.77 1.03
CA ASP A 206 -24.57 -7.14 -0.08
C ASP A 206 -24.21 -8.56 -0.53
N ASP A 207 -24.28 -8.83 -1.83
CA ASP A 207 -24.03 -10.15 -2.38
C ASP A 207 -22.54 -10.46 -2.55
N ASP A 208 -21.68 -9.49 -2.27
CA ASP A 208 -20.24 -9.68 -2.30
C ASP A 208 -19.63 -8.68 -1.32
N ASN A 209 -18.32 -8.80 -1.08
CA ASN A 209 -17.66 -7.88 -0.16
C ASN A 209 -16.31 -7.39 -0.72
N PRO A 210 -16.33 -6.74 -1.89
CA PRO A 210 -15.17 -5.96 -2.30
C PRO A 210 -14.86 -4.88 -1.27
N PRO A 211 -13.60 -4.45 -1.19
CA PRO A 211 -13.27 -3.36 -0.27
C PRO A 211 -14.23 -2.17 -0.39
N VAL A 212 -14.70 -1.69 0.77
CA VAL A 212 -15.53 -0.51 0.84
C VAL A 212 -14.59 0.67 1.04
N SER A 213 -14.47 1.50 0.01
CA SER A 213 -13.45 2.53 -0.08
C SER A 213 -13.93 3.91 0.37
N PHE A 214 -15.22 4.06 0.61
CA PHE A 214 -15.80 5.33 1.02
C PHE A 214 -17.22 5.09 1.54
N VAL A 215 -17.63 5.87 2.55
CA VAL A 215 -19.03 5.89 2.96
C VAL A 215 -19.33 7.22 3.64
N LYS A 216 -20.60 7.64 3.57
CA LYS A 216 -21.07 8.79 4.32
C LYS A 216 -22.60 8.71 4.42
N PHE A 217 -23.14 9.33 5.48
CA PHE A 217 -24.59 9.53 5.61
C PHE A 217 -25.09 10.57 4.61
N SER A 218 -26.33 10.38 4.14
CA SER A 218 -27.01 11.42 3.39
C SER A 218 -27.31 12.63 4.28
N PRO A 219 -27.49 13.81 3.68
CA PRO A 219 -27.78 15.00 4.49
C PRO A 219 -28.94 14.81 5.44
N ASN A 220 -30.00 14.12 5.00
CA ASN A 220 -31.16 13.90 5.84
C ASN A 220 -30.97 12.77 6.85
N GLY A 221 -29.82 12.09 6.81
CA GLY A 221 -29.52 11.04 7.76
C GLY A 221 -30.24 9.73 7.54
N LYS A 222 -31.04 9.61 6.48
CA LYS A 222 -31.80 8.38 6.25
C LYS A 222 -30.97 7.32 5.54
N TYR A 223 -30.02 7.73 4.71
CA TYR A 223 -29.29 6.82 3.85
C TYR A 223 -27.80 6.92 4.12
N ILE A 224 -27.07 5.94 3.61
CA ILE A 224 -25.63 6.07 3.46
C ILE A 224 -25.30 5.82 1.99
N LEU A 225 -24.23 6.46 1.55
CA LEU A 225 -23.70 6.31 0.22
C LEU A 225 -22.34 5.64 0.36
N ALA A 226 -22.15 4.51 -0.33
CA ALA A 226 -20.97 3.70 -0.12
C ALA A 226 -20.33 3.37 -1.45
N ALA A 227 -19.02 3.54 -1.55
CA ALA A 227 -18.25 3.14 -2.73
C ALA A 227 -17.52 1.84 -2.45
N THR A 228 -17.48 0.96 -3.45
CA THR A 228 -16.68 -0.24 -3.37
C THR A 228 -15.71 -0.31 -4.55
N LEU A 229 -14.59 -0.98 -4.33
CA LEU A 229 -13.54 -1.02 -5.34
C LEU A 229 -13.86 -2.00 -6.46
N ASP A 230 -15.13 -2.07 -6.84
CA ASP A 230 -15.59 -2.76 -8.05
C ASP A 230 -16.29 -1.77 -8.98
N ASN A 231 -15.85 -0.51 -8.94
CA ASN A 231 -16.38 0.53 -9.82
C ASN A 231 -17.85 0.80 -9.52
N THR A 232 -18.24 0.77 -8.25
CA THR A 232 -19.65 0.89 -7.94
C THR A 232 -19.89 1.78 -6.72
N LEU A 233 -20.92 2.63 -6.83
CA LEU A 233 -21.49 3.36 -5.70
CA LEU A 233 -21.49 3.35 -5.71
C LEU A 233 -22.88 2.81 -5.41
N LYS A 234 -23.24 2.77 -4.13
CA LYS A 234 -24.53 2.25 -3.72
C LYS A 234 -25.19 3.14 -2.68
N LEU A 235 -26.47 3.43 -2.86
CA LEU A 235 -27.25 4.13 -1.85
C LEU A 235 -28.01 3.11 -1.03
N TRP A 236 -27.84 3.15 0.28
CA TRP A 236 -28.37 2.15 1.19
C TRP A 236 -29.40 2.78 2.12
N ASP A 237 -30.51 2.08 2.33
CA ASP A 237 -31.34 2.30 3.52
C ASP A 237 -30.71 1.47 4.62
N TYR A 238 -29.96 2.12 5.52
CA TYR A 238 -29.16 1.35 6.47
C TYR A 238 -30.00 0.78 7.61
N SER A 239 -31.11 1.43 7.96
CA SER A 239 -32.04 0.84 8.92
C SER A 239 -32.61 -0.47 8.37
N LYS A 240 -33.22 -0.39 7.18
CA LYS A 240 -33.79 -1.59 6.57
C LYS A 240 -32.73 -2.52 6.02
N GLY A 241 -31.47 -2.09 5.98
CA GLY A 241 -30.41 -2.89 5.38
C GLY A 241 -30.62 -3.20 3.91
N LYS A 242 -31.17 -2.25 3.13
CA LYS A 242 -31.50 -2.47 1.73
C LYS A 242 -30.72 -1.51 0.84
N CYS A 243 -30.15 -2.05 -0.23
CA CYS A 243 -29.56 -1.22 -1.27
C CYS A 243 -30.66 -0.68 -2.16
N LEU A 244 -30.73 0.65 -2.30
CA LEU A 244 -31.82 1.32 -3.03
C LEU A 244 -31.43 1.82 -4.41
N LYS A 245 -30.18 2.20 -4.61
CA LYS A 245 -29.72 2.71 -5.91
C LYS A 245 -28.29 2.26 -6.11
N THR A 246 -27.93 2.00 -7.37
CA THR A 246 -26.57 1.66 -7.77
C THR A 246 -26.11 2.59 -8.87
N TYR A 247 -24.90 3.14 -8.75
CA TYR A 247 -24.35 4.09 -9.72
C TYR A 247 -23.06 3.52 -10.29
N THR A 248 -22.98 3.44 -11.62
CA THR A 248 -21.82 2.87 -12.29
C THR A 248 -21.46 3.72 -13.49
N GLY A 249 -20.40 3.30 -14.18
CA GLY A 249 -19.88 3.99 -15.34
C GLY A 249 -18.52 4.63 -15.13
N HIS A 250 -18.12 4.85 -13.87
CA HIS A 250 -16.82 5.43 -13.59
C HIS A 250 -15.80 4.31 -13.32
N LYS A 251 -14.57 4.70 -13.03
CA LYS A 251 -13.51 3.74 -12.77
C LYS A 251 -13.09 3.89 -11.32
N ASN A 252 -13.20 2.82 -10.54
CA ASN A 252 -12.77 2.91 -9.15
C ASN A 252 -12.44 1.50 -8.66
N GLU A 253 -11.18 1.11 -8.82
CA GLU A 253 -10.72 -0.18 -8.35
C GLU A 253 -9.50 -0.10 -7.44
N LYS A 254 -8.93 1.06 -7.26
CA LYS A 254 -7.66 1.13 -6.54
C LYS A 254 -7.65 2.14 -5.41
N TYR A 255 -8.19 3.35 -5.62
CA TYR A 255 -8.07 4.45 -4.67
C TYR A 255 -9.37 4.66 -3.92
N CYS A 256 -9.24 5.19 -2.69
CA CYS A 256 -10.43 5.48 -1.89
C CYS A 256 -10.89 6.87 -2.25
N ILE A 257 -11.84 6.92 -3.18
CA ILE A 257 -12.34 8.17 -3.76
C ILE A 257 -13.54 8.65 -2.95
N PHE A 258 -13.51 9.93 -2.57
CA PHE A 258 -14.59 10.56 -1.82
C PHE A 258 -15.75 10.91 -2.74
N ALA A 259 -16.97 10.67 -2.28
CA ALA A 259 -18.16 11.00 -3.06
C ALA A 259 -19.10 11.87 -2.23
N ASN A 260 -20.16 12.39 -2.86
CA ASN A 260 -21.00 13.38 -2.21
C ASN A 260 -22.42 13.32 -2.73
N PHE A 261 -23.36 13.78 -1.88
CA PHE A 261 -24.68 14.18 -2.33
C PHE A 261 -24.60 15.66 -2.72
N SER A 262 -25.06 15.99 -3.91
CA SER A 262 -25.21 17.39 -4.29
C SER A 262 -26.68 17.77 -4.15
N VAL A 263 -26.97 18.77 -3.33
CA VAL A 263 -28.36 19.03 -2.96
C VAL A 263 -28.75 20.49 -3.15
N THR A 264 -27.80 21.36 -3.50
CA THR A 264 -28.13 22.78 -3.63
C THR A 264 -29.02 23.05 -4.84
N GLY A 265 -28.86 22.27 -5.92
CA GLY A 265 -29.68 22.43 -7.11
C GLY A 265 -30.47 21.18 -7.41
N GLY A 266 -30.24 20.56 -8.56
CA GLY A 266 -30.73 19.21 -8.77
C GLY A 266 -30.11 18.23 -7.79
N LYS A 267 -30.77 17.08 -7.62
CA LYS A 267 -30.32 16.08 -6.65
C LYS A 267 -29.35 15.14 -7.36
N TRP A 268 -28.05 15.33 -7.15
CA TRP A 268 -27.04 14.54 -7.84
C TRP A 268 -26.22 13.73 -6.86
N ILE A 269 -25.55 12.72 -7.40
CA ILE A 269 -24.42 12.04 -6.77
C ILE A 269 -23.16 12.46 -7.51
N VAL A 270 -22.11 12.82 -6.77
CA VAL A 270 -20.86 13.30 -7.34
C VAL A 270 -19.70 12.44 -6.84
N SER A 271 -18.84 12.02 -7.75
CA SER A 271 -17.66 11.28 -7.35
C SER A 271 -16.53 11.50 -8.34
N GLY A 272 -15.30 11.46 -7.82
CA GLY A 272 -14.14 11.32 -8.67
C GLY A 272 -14.06 9.93 -9.28
N SER A 273 -13.01 9.73 -10.06
CA SER A 273 -12.89 8.54 -10.89
C SER A 273 -11.42 8.38 -11.27
N GLU A 274 -11.03 7.12 -11.50
CA GLU A 274 -9.65 6.84 -11.85
C GLU A 274 -9.35 7.03 -13.33
N ASP A 275 -10.35 7.40 -14.13
CA ASP A 275 -10.11 7.91 -15.49
C ASP A 275 -9.99 9.44 -15.51
N ASN A 276 -9.76 10.07 -14.36
CA ASN A 276 -9.45 11.49 -14.22
C ASN A 276 -10.64 12.41 -14.44
N LEU A 277 -11.87 11.90 -14.39
CA LEU A 277 -13.05 12.73 -14.55
C LEU A 277 -13.82 12.83 -13.23
N VAL A 278 -14.60 13.91 -13.11
CA VAL A 278 -15.67 13.96 -12.11
C VAL A 278 -16.93 13.40 -12.76
N TYR A 279 -17.56 12.42 -12.11
CA TYR A 279 -18.84 11.88 -12.56
C TYR A 279 -19.97 12.48 -11.75
N ILE A 280 -21.06 12.80 -12.43
CA ILE A 280 -22.26 13.29 -11.77
C ILE A 280 -23.42 12.45 -12.27
N TRP A 281 -24.22 11.91 -11.34
CA TRP A 281 -25.36 11.06 -11.64
C TRP A 281 -26.64 11.69 -11.12
N ASN A 282 -27.75 11.43 -11.82
CA ASN A 282 -29.07 11.72 -11.29
C ASN A 282 -29.36 10.75 -10.15
N LEU A 283 -29.58 11.28 -8.94
CA LEU A 283 -29.72 10.40 -7.78
C LEU A 283 -30.84 9.39 -7.97
N GLN A 284 -31.98 9.86 -8.49
CA GLN A 284 -33.17 9.02 -8.60
C GLN A 284 -33.05 8.02 -9.74
N THR A 285 -32.61 8.47 -10.91
CA THR A 285 -32.59 7.63 -12.10
C THR A 285 -31.30 6.84 -12.26
N LYS A 286 -30.23 7.25 -11.59
CA LYS A 286 -28.93 6.58 -11.67
C LYS A 286 -28.23 6.83 -12.99
N GLU A 287 -28.77 7.70 -13.83
CA GLU A 287 -28.14 8.02 -15.11
C GLU A 287 -26.98 9.01 -14.92
N ILE A 288 -25.91 8.81 -15.66
CA ILE A 288 -24.82 9.79 -15.66
C ILE A 288 -25.32 11.05 -16.37
N VAL A 289 -25.26 12.19 -15.68
CA VAL A 289 -25.71 13.43 -16.28
C VAL A 289 -24.55 14.36 -16.67
N GLN A 290 -23.36 14.17 -16.11
CA GLN A 290 -22.23 14.97 -16.56
C GLN A 290 -20.94 14.27 -16.18
N LYS A 291 -19.91 14.49 -17.00
CA LYS A 291 -18.54 14.09 -16.70
C LYS A 291 -17.66 15.31 -16.89
N LEU A 292 -16.94 15.71 -15.84
CA LEU A 292 -16.13 16.92 -15.88
C LEU A 292 -14.69 16.58 -16.26
N GLN A 293 -14.22 17.14 -17.37
CA GLN A 293 -12.89 16.86 -17.88
C GLN A 293 -11.91 17.98 -17.54
N GLY A 294 -10.68 17.61 -17.19
CA GLY A 294 -9.66 18.61 -16.97
C GLY A 294 -8.49 18.14 -16.14
N HIS A 295 -8.76 17.28 -15.15
CA HIS A 295 -7.67 16.77 -14.35
C HIS A 295 -6.82 15.80 -15.18
N THR A 296 -5.56 15.64 -14.76
CA THR A 296 -4.62 14.76 -15.46
C THR A 296 -4.22 13.55 -14.62
N ASP A 297 -4.87 13.32 -13.49
CA ASP A 297 -4.62 12.15 -12.66
C ASP A 297 -5.91 11.81 -11.93
N VAL A 298 -5.87 10.71 -11.17
CA VAL A 298 -7.06 10.26 -10.46
C VAL A 298 -7.69 11.42 -9.72
N VAL A 299 -8.99 11.60 -9.88
CA VAL A 299 -9.72 12.59 -9.08
C VAL A 299 -10.14 11.87 -7.80
N ILE A 300 -9.36 12.05 -6.74
CA ILE A 300 -9.59 11.25 -5.54
C ILE A 300 -10.53 11.93 -4.57
N SER A 301 -10.75 13.25 -4.68
CA SER A 301 -11.63 13.96 -3.77
C SER A 301 -12.53 14.91 -4.53
N THR A 302 -13.78 15.00 -4.10
CA THR A 302 -14.72 16.00 -4.59
C THR A 302 -15.48 16.51 -3.39
N ALA A 303 -15.97 17.75 -3.50
CA ALA A 303 -16.75 18.36 -2.44
C ALA A 303 -17.79 19.26 -3.08
N CYS A 304 -18.93 19.42 -2.40
CA CYS A 304 -20.05 20.21 -2.91
C CYS A 304 -20.30 21.37 -1.97
N HIS A 305 -20.40 22.56 -2.53
CA HIS A 305 -20.55 23.76 -1.72
C HIS A 305 -21.87 23.69 -0.94
N PRO A 306 -21.91 24.20 0.29
CA PRO A 306 -23.12 24.04 1.11
C PRO A 306 -24.34 24.83 0.60
N THR A 307 -24.15 25.90 -0.18
CA THR A 307 -25.31 26.70 -0.58
C THR A 307 -25.37 26.96 -2.08
N GLU A 308 -24.23 27.09 -2.75
CA GLU A 308 -24.23 27.30 -4.19
C GLU A 308 -23.93 26.01 -4.94
N ASN A 309 -24.28 26.00 -6.23
CA ASN A 309 -23.97 24.88 -7.12
C ASN A 309 -22.50 24.97 -7.55
N ILE A 310 -21.61 24.67 -6.60
CA ILE A 310 -20.17 24.72 -6.80
C ILE A 310 -19.60 23.38 -6.38
N ILE A 311 -18.72 22.82 -7.20
CA ILE A 311 -18.01 21.59 -6.89
C ILE A 311 -16.52 21.88 -6.82
N ALA A 312 -15.84 21.31 -5.84
CA ALA A 312 -14.39 21.26 -5.83
C ALA A 312 -13.92 19.83 -6.10
N SER A 313 -12.88 19.71 -6.91
CA SER A 313 -12.26 18.40 -7.18
C SER A 313 -10.76 18.52 -6.95
N ALA A 314 -10.12 17.40 -6.61
CA ALA A 314 -8.68 17.39 -6.38
C ALA A 314 -8.11 16.07 -6.87
N ALA A 315 -6.89 16.12 -7.40
CA ALA A 315 -6.31 14.98 -8.10
C ALA A 315 -4.95 14.60 -7.50
N LEU A 316 -4.48 13.42 -7.90
CA LEU A 316 -3.31 12.82 -7.29
C LEU A 316 -1.98 13.35 -7.85
N GLU A 317 -0.91 12.60 -7.62
CA GLU A 317 0.45 13.14 -7.69
C GLU A 317 0.80 13.69 -9.07
N ASN A 318 0.26 13.12 -10.13
CA ASN A 318 0.62 13.58 -11.47
C ASN A 318 -0.19 14.79 -11.90
N ASP A 319 -0.98 15.36 -11.00
CA ASP A 319 -1.80 16.49 -11.35
C ASP A 319 -1.54 17.60 -10.34
N LYS A 320 -1.79 17.34 -9.06
CA LYS A 320 -1.48 18.22 -7.93
C LYS A 320 -2.36 19.46 -7.85
N THR A 321 -3.42 19.56 -8.66
CA THR A 321 -4.23 20.76 -8.64
C THR A 321 -5.65 20.49 -8.14
N ILE A 322 -6.29 21.56 -7.69
CA ILE A 322 -7.68 21.59 -7.26
C ILE A 322 -8.44 22.38 -8.32
N LYS A 323 -9.67 21.96 -8.61
CA LYS A 323 -10.48 22.68 -9.58
C LYS A 323 -11.84 23.02 -8.98
N LEU A 324 -12.30 24.22 -9.27
CA LEU A 324 -13.60 24.73 -8.85
C LEU A 324 -14.50 24.83 -10.06
N TRP A 325 -15.70 24.28 -9.95
CA TRP A 325 -16.64 24.19 -11.05
C TRP A 325 -17.97 24.78 -10.60
N LYS A 326 -18.68 25.40 -11.53
CA LYS A 326 -19.90 26.12 -11.22
C LYS A 326 -21.00 25.72 -12.20
N SER A 327 -22.20 25.48 -11.68
CA SER A 327 -23.34 25.07 -12.49
C SER A 327 -24.53 25.97 -12.22
N ASP A 328 -25.40 26.09 -13.22
CA ASP A 328 -26.63 26.86 -13.05
C ASP A 328 -27.71 26.08 -12.31
N CYS A 329 -27.56 24.77 -12.17
CA CYS A 329 -28.52 23.94 -11.42
C CYS A 329 -27.87 22.68 -10.85
N PHE B 28 25.45 -12.63 -21.68
CA PHE B 28 24.00 -12.63 -21.45
C PHE B 28 23.22 -12.31 -22.73
N ARG B 29 23.04 -13.32 -23.57
CA ARG B 29 22.33 -13.16 -24.84
C ARG B 29 20.82 -13.17 -24.62
N PRO B 30 20.10 -12.14 -25.07
CA PRO B 30 18.63 -12.16 -25.01
C PRO B 30 18.06 -13.34 -25.78
N ILE B 31 17.13 -14.05 -25.14
CA ILE B 31 16.56 -15.28 -25.67
C ILE B 31 15.07 -15.13 -25.93
N SER B 32 14.38 -14.41 -25.06
CA SER B 32 12.92 -14.28 -25.13
C SER B 32 12.53 -13.04 -24.34
N VAL B 33 11.39 -12.47 -24.68
CA VAL B 33 10.81 -11.37 -23.92
C VAL B 33 9.30 -11.55 -23.94
N PHE B 34 8.63 -11.16 -22.85
CA PHE B 34 7.19 -11.18 -22.88
C PHE B 34 6.63 -10.24 -21.83
N ARG B 35 5.43 -9.75 -22.10
CA ARG B 35 4.73 -8.90 -21.15
C ARG B 35 3.50 -9.65 -20.64
N GLU B 36 2.85 -9.07 -19.65
CA GLU B 36 1.71 -9.75 -19.04
C GLU B 36 0.54 -9.78 -20.01
N ALA B 37 -0.04 -10.97 -20.19
CA ALA B 37 -1.18 -11.13 -21.08
C ALA B 37 -2.40 -10.38 -20.54
N ASN B 38 -3.21 -9.88 -21.46
CA ASN B 38 -4.55 -9.36 -21.19
C ASN B 38 -4.53 -7.96 -20.57
N GLU B 39 -3.39 -7.49 -20.05
CA GLU B 39 -3.35 -6.28 -19.24
C GLU B 39 -2.81 -5.11 -20.04
N ASP B 40 -3.44 -3.94 -19.88
CA ASP B 40 -3.01 -2.77 -20.62
C ASP B 40 -1.66 -2.27 -20.13
N GLU B 41 -1.46 -2.25 -18.82
CA GLU B 41 -0.16 -2.00 -18.22
C GLU B 41 0.33 -3.32 -17.63
N SER B 42 1.47 -3.79 -18.11
CA SER B 42 1.99 -5.09 -17.69
C SER B 42 2.49 -4.98 -16.25
N GLY B 43 2.09 -5.92 -15.40
CA GLY B 43 2.36 -5.77 -13.98
C GLY B 43 3.19 -6.86 -13.32
N PHE B 44 4.06 -7.53 -14.06
CA PHE B 44 5.01 -8.45 -13.42
C PHE B 44 5.84 -7.70 -12.38
N THR B 45 6.01 -8.30 -11.19
CA THR B 45 6.85 -7.71 -10.15
C THR B 45 7.99 -8.60 -9.68
N CYS B 46 7.86 -9.92 -9.78
CA CYS B 46 8.88 -10.83 -9.28
C CYS B 46 8.73 -12.16 -10.01
N CYS B 47 9.77 -13.00 -9.91
CA CYS B 47 9.73 -14.25 -10.69
C CYS B 47 10.66 -15.30 -10.10
N ALA B 48 10.36 -16.55 -10.44
CA ALA B 48 11.18 -17.71 -10.10
C ALA B 48 10.83 -18.83 -11.08
N PHE B 49 11.84 -19.59 -11.49
CA PHE B 49 11.54 -20.73 -12.36
C PHE B 49 10.78 -21.77 -11.57
N SER B 50 9.79 -22.37 -12.22
CA SER B 50 9.12 -23.47 -11.54
C SER B 50 9.88 -24.77 -11.80
N ALA B 51 9.49 -25.81 -11.06
CA ALA B 51 10.10 -27.12 -11.26
C ALA B 51 9.79 -27.67 -12.64
N ARG B 52 8.70 -27.25 -13.25
CA ARG B 52 8.34 -27.63 -14.61
C ARG B 52 9.17 -26.75 -15.55
N GLU B 53 10.27 -27.30 -16.06
CA GLU B 53 11.15 -26.47 -16.87
C GLU B 53 10.42 -25.95 -18.10
N ARG B 54 10.86 -24.79 -18.57
CA ARG B 54 10.25 -23.95 -19.61
C ARG B 54 9.19 -23.02 -19.04
N PHE B 55 8.83 -23.15 -17.76
CA PHE B 55 7.82 -22.30 -17.15
C PHE B 55 8.40 -21.47 -16.03
N LEU B 56 7.92 -20.23 -15.95
CA LEU B 56 8.34 -19.25 -14.96
C LEU B 56 7.10 -18.83 -14.17
N MET B 57 7.25 -18.71 -12.85
CA MET B 57 6.19 -18.16 -12.01
C MET B 57 6.46 -16.68 -11.82
N LEU B 58 5.43 -15.84 -11.99
CA LEU B 58 5.60 -14.42 -11.80
C LEU B 58 4.52 -13.89 -10.87
N GLY B 59 4.93 -13.03 -9.93
CA GLY B 59 3.97 -12.27 -9.16
C GLY B 59 3.64 -10.98 -9.87
N THR B 60 2.48 -10.41 -9.53
CA THR B 60 2.02 -9.21 -10.21
C THR B 60 1.60 -8.15 -9.21
N CYS B 61 1.44 -6.94 -9.73
CA CYS B 61 1.09 -5.79 -8.90
C CYS B 61 -0.34 -5.86 -8.37
N THR B 62 -1.16 -6.82 -8.82
CA THR B 62 -2.48 -7.01 -8.25
C THR B 62 -2.56 -8.21 -7.33
N GLY B 63 -1.42 -8.75 -6.90
CA GLY B 63 -1.45 -9.87 -5.98
C GLY B 63 -1.71 -11.22 -6.61
N GLN B 64 -1.56 -11.30 -7.91
CA GLN B 64 -1.75 -12.59 -8.59
C GLN B 64 -0.43 -13.33 -8.83
N LEU B 65 -0.50 -14.65 -8.87
CA LEU B 65 0.61 -15.51 -9.22
C LEU B 65 0.29 -16.13 -10.58
N LYS B 66 1.16 -15.92 -11.56
CA LYS B 66 0.90 -16.42 -12.91
C LYS B 66 2.04 -17.32 -13.37
N LEU B 67 1.70 -18.30 -14.20
CA LEU B 67 2.64 -19.25 -14.78
C LEU B 67 2.77 -18.94 -16.26
N TYR B 68 3.99 -18.78 -16.74
CA TYR B 68 4.22 -18.44 -18.13
C TYR B 68 5.24 -19.41 -18.73
N ASN B 69 4.97 -19.80 -19.97
CA ASN B 69 5.99 -20.39 -20.82
C ASN B 69 7.03 -19.33 -21.16
N VAL B 70 8.27 -19.51 -20.71
CA VAL B 70 9.25 -18.43 -20.88
C VAL B 70 9.68 -18.24 -22.33
N PHE B 71 9.51 -19.25 -23.19
CA PHE B 71 9.94 -19.11 -24.57
C PHE B 71 8.86 -18.54 -25.46
N SER B 72 7.59 -18.94 -25.27
CA SER B 72 6.51 -18.40 -26.10
C SER B 72 5.89 -17.14 -25.53
N GLY B 73 5.98 -16.91 -24.23
CA GLY B 73 5.27 -15.82 -23.60
C GLY B 73 3.84 -16.14 -23.26
N GLN B 74 3.45 -17.40 -23.38
CA GLN B 74 2.07 -17.81 -23.16
C GLN B 74 1.79 -17.92 -21.66
N GLU B 75 0.74 -17.24 -21.21
CA GLU B 75 0.25 -17.44 -19.85
C GLU B 75 -0.42 -18.80 -19.73
N GLU B 76 0.02 -19.60 -18.76
CA GLU B 76 -0.51 -20.94 -18.57
C GLU B 76 -1.51 -21.06 -17.44
N ALA B 77 -1.41 -20.19 -16.43
CA ALA B 77 -2.28 -20.30 -15.26
C ALA B 77 -2.19 -19.01 -14.50
N SER B 78 -3.23 -18.72 -13.72
CA SER B 78 -3.29 -17.51 -12.91
C SER B 78 -3.99 -17.85 -11.61
N TYR B 79 -3.44 -17.36 -10.50
CA TYR B 79 -4.00 -17.61 -9.17
C TYR B 79 -4.01 -16.31 -8.38
N ASN B 80 -5.03 -16.20 -7.52
CA ASN B 80 -5.22 -15.04 -6.60
C ASN B 80 -4.55 -15.32 -5.27
N CYS B 81 -3.43 -14.66 -5.05
CA CYS B 81 -2.74 -14.98 -3.80
C CYS B 81 -2.87 -13.91 -2.73
N HIS B 82 -2.87 -12.64 -3.10
CA HIS B 82 -2.85 -11.57 -2.10
C HIS B 82 -3.72 -10.41 -2.57
N ASN B 83 -4.11 -9.57 -1.60
CA ASN B 83 -4.90 -8.38 -1.88
C ASN B 83 -4.04 -7.14 -2.08
N SER B 84 -2.77 -7.32 -2.39
CA SER B 84 -1.89 -6.21 -2.73
C SER B 84 -0.76 -6.81 -3.53
N ALA B 85 0.08 -5.94 -4.08
CA ALA B 85 1.11 -6.39 -5.01
C ALA B 85 2.03 -7.42 -4.38
N ILE B 86 2.35 -8.47 -5.14
CA ILE B 86 3.37 -9.40 -4.71
CA ILE B 86 3.37 -9.41 -4.72
C ILE B 86 4.73 -8.73 -4.81
N THR B 87 5.53 -8.86 -3.75
CA THR B 87 6.86 -8.27 -3.76
C THR B 87 7.96 -9.28 -4.03
N HIS B 88 7.76 -10.53 -3.64
CA HIS B 88 8.84 -11.51 -3.64
C HIS B 88 8.22 -12.89 -3.50
N LEU B 89 8.88 -13.88 -4.09
CA LEU B 89 8.41 -15.26 -3.97
C LEU B 89 9.58 -16.22 -4.01
N GLU B 90 9.34 -17.45 -3.54
CA GLU B 90 10.37 -18.48 -3.54
C GLU B 90 9.74 -19.86 -3.64
N PRO B 91 10.03 -20.61 -4.69
CA PRO B 91 9.54 -21.99 -4.76
C PRO B 91 10.47 -22.92 -4.02
N SER B 92 9.90 -23.99 -3.46
CA SER B 92 10.75 -25.01 -2.85
C SER B 92 11.46 -25.78 -3.96
N ARG B 93 12.58 -26.42 -3.60
CA ARG B 93 13.34 -27.13 -4.63
C ARG B 93 12.58 -28.31 -5.20
N ASP B 94 11.74 -28.97 -4.40
CA ASP B 94 11.03 -30.13 -4.89
C ASP B 94 9.76 -29.78 -5.66
N GLY B 95 9.47 -28.50 -5.88
CA GLY B 95 8.32 -28.08 -6.64
C GLY B 95 6.98 -28.17 -5.94
N SER B 96 6.93 -28.62 -4.69
CA SER B 96 5.64 -28.82 -4.04
C SER B 96 5.12 -27.57 -3.32
N LEU B 97 5.96 -26.58 -3.03
CA LEU B 97 5.55 -25.48 -2.18
C LEU B 97 6.05 -24.16 -2.74
N LEU B 98 5.35 -23.07 -2.40
CA LEU B 98 5.72 -21.73 -2.85
C LEU B 98 5.46 -20.72 -1.75
N LEU B 99 6.46 -19.87 -1.48
CA LEU B 99 6.29 -18.75 -0.57
C LEU B 99 6.02 -17.48 -1.36
N THR B 100 5.07 -16.68 -0.88
CA THR B 100 4.80 -15.37 -1.46
C THR B 100 4.79 -14.33 -0.36
N SER B 101 5.12 -13.10 -0.73
CA SER B 101 5.01 -11.94 0.15
C SER B 101 4.33 -10.81 -0.63
N ALA B 102 3.47 -10.06 0.06
CA ALA B 102 2.72 -8.98 -0.52
C ALA B 102 3.24 -7.64 0.01
N THR B 103 2.52 -6.56 -0.29
N THR B 103 2.55 -6.55 -0.31
CA THR B 103 2.99 -5.22 0.03
CA THR B 103 3.04 -5.24 0.08
C THR B 103 2.47 -4.73 1.37
C THR B 103 2.46 -4.79 1.43
N TRP B 104 1.14 -4.67 1.53
CA TRP B 104 0.53 -4.12 2.74
C TRP B 104 -0.62 -4.94 3.30
N SER B 105 -1.29 -5.77 2.51
CA SER B 105 -2.46 -6.48 2.97
C SER B 105 -2.05 -7.71 3.77
N GLN B 106 -2.82 -8.02 4.80
CA GLN B 106 -2.56 -9.23 5.56
C GLN B 106 -3.40 -10.36 4.98
N PRO B 107 -2.86 -11.59 5.00
CA PRO B 107 -1.54 -11.98 5.51
C PRO B 107 -0.43 -11.45 4.59
N LEU B 108 0.65 -10.91 5.16
CA LEU B 108 1.72 -10.35 4.33
C LEU B 108 2.51 -11.42 3.60
N SER B 109 2.57 -12.64 4.14
CA SER B 109 3.22 -13.74 3.44
C SER B 109 2.36 -14.99 3.54
N ALA B 110 2.55 -15.90 2.60
CA ALA B 110 1.79 -17.14 2.62
C ALA B 110 2.61 -18.28 2.01
N LEU B 111 2.20 -19.50 2.36
CA LEU B 111 2.78 -20.74 1.84
C LEU B 111 1.72 -21.48 1.04
N TRP B 112 2.03 -21.80 -0.21
CA TRP B 112 1.07 -22.40 -1.12
C TRP B 112 1.51 -23.81 -1.50
N GLY B 113 0.55 -24.72 -1.55
CA GLY B 113 0.80 -26.05 -2.07
C GLY B 113 0.59 -26.06 -3.57
N MET B 114 1.52 -26.67 -4.29
CA MET B 114 1.43 -26.72 -5.74
C MET B 114 1.22 -28.13 -6.29
N LYS B 115 1.39 -29.16 -5.49
CA LYS B 115 1.00 -30.51 -5.90
C LYS B 115 -0.48 -30.52 -6.29
N SER B 116 -0.75 -31.03 -7.49
CA SER B 116 -2.12 -31.07 -8.00
C SER B 116 -2.79 -29.71 -7.89
N VAL B 117 -3.67 -29.53 -6.90
CA VAL B 117 -4.40 -28.28 -6.75
C VAL B 117 -3.50 -27.24 -6.10
N PHE B 118 -3.64 -25.99 -6.56
CA PHE B 118 -2.94 -24.85 -5.98
C PHE B 118 -3.81 -24.27 -4.88
N ASP B 119 -3.30 -24.29 -3.65
CA ASP B 119 -4.10 -23.84 -2.52
C ASP B 119 -3.17 -23.33 -1.42
N MET B 120 -3.73 -22.60 -0.48
CA MET B 120 -2.95 -22.10 0.64
C MET B 120 -2.73 -23.19 1.68
N LYS B 121 -1.48 -23.39 2.10
CA LYS B 121 -1.20 -24.26 3.23
C LYS B 121 -1.22 -23.49 4.54
N HIS B 122 -0.50 -22.38 4.59
CA HIS B 122 -0.37 -21.58 5.81
C HIS B 122 -0.23 -20.11 5.44
N SER B 123 -0.52 -19.25 6.40
CA SER B 123 -0.34 -17.82 6.20
C SER B 123 0.45 -17.25 7.36
N PHE B 124 1.21 -16.21 7.07
CA PHE B 124 2.08 -15.57 8.05
C PHE B 124 1.66 -14.10 8.07
N THR B 125 0.91 -13.73 9.10
CA THR B 125 0.09 -12.53 9.04
C THR B 125 0.92 -11.27 8.88
N GLU B 126 1.97 -11.14 9.69
CA GLU B 126 2.73 -9.90 9.78
C GLU B 126 4.13 -9.99 9.19
N ASP B 127 4.55 -11.14 8.68
CA ASP B 127 5.90 -11.27 8.12
C ASP B 127 5.87 -10.74 6.68
N HIS B 128 6.55 -9.61 6.45
CA HIS B 128 6.59 -9.03 5.12
C HIS B 128 7.64 -9.68 4.22
N TYR B 129 8.42 -10.62 4.75
CA TYR B 129 9.41 -11.33 3.93
C TYR B 129 9.57 -12.71 4.53
N VAL B 130 9.68 -13.72 3.67
CA VAL B 130 9.85 -15.11 4.10
C VAL B 130 10.83 -15.82 3.17
N GLU B 131 11.53 -16.81 3.72
CA GLU B 131 12.39 -17.72 2.97
C GLU B 131 12.22 -19.13 3.52
N PHE B 132 12.47 -20.13 2.67
CA PHE B 132 12.59 -21.50 3.16
C PHE B 132 13.92 -21.69 3.89
N SER B 133 13.95 -22.66 4.80
CA SER B 133 15.25 -23.16 5.24
C SER B 133 15.96 -23.77 4.02
N LYS B 134 17.27 -23.96 4.15
CA LYS B 134 18.14 -24.20 3.01
CA LYS B 134 18.11 -24.21 2.99
C LYS B 134 18.49 -25.67 2.81
N HIS B 135 18.92 -26.35 3.85
CA HIS B 135 19.32 -27.74 3.67
C HIS B 135 18.09 -28.63 3.53
N SER B 136 17.42 -28.87 4.63
CA SER B 136 16.14 -29.54 4.63
C SER B 136 15.05 -28.47 4.64
N GLN B 137 14.23 -28.45 3.60
CA GLN B 137 13.25 -27.37 3.44
C GLN B 137 11.97 -27.67 4.21
N ASP B 138 12.11 -27.76 5.53
CA ASP B 138 10.99 -28.08 6.41
C ASP B 138 10.60 -26.91 7.28
N ARG B 139 11.24 -25.74 7.12
CA ARG B 139 10.90 -24.59 7.92
C ARG B 139 10.83 -23.35 7.03
N VAL B 140 10.11 -22.34 7.53
CA VAL B 140 10.01 -21.04 6.89
C VAL B 140 10.54 -20.03 7.89
N ILE B 141 11.35 -19.08 7.42
CA ILE B 141 11.79 -18.00 8.31
C ILE B 141 11.22 -16.70 7.79
N GLY B 142 10.50 -16.00 8.67
CA GLY B 142 9.86 -14.75 8.30
C GLY B 142 10.50 -13.57 9.01
N THR B 143 10.31 -12.38 8.45
CA THR B 143 10.83 -11.15 9.03
C THR B 143 9.67 -10.20 9.26
N LYS B 144 9.60 -9.65 10.47
CA LYS B 144 8.69 -8.57 10.82
C LYS B 144 9.55 -7.46 11.44
N GLY B 145 9.91 -6.47 10.63
CA GLY B 145 10.77 -5.41 11.11
C GLY B 145 12.08 -5.99 11.59
N ASP B 146 12.39 -5.81 12.87
CA ASP B 146 13.66 -6.26 13.43
C ASP B 146 13.63 -7.72 13.88
N ILE B 147 12.48 -8.38 13.80
CA ILE B 147 12.24 -9.67 14.47
C ILE B 147 12.21 -10.79 13.45
N ALA B 148 12.79 -11.93 13.82
CA ALA B 148 12.78 -13.13 12.99
C ALA B 148 11.80 -14.15 13.58
N HIS B 149 11.01 -14.77 12.71
CA HIS B 149 10.10 -15.84 13.08
C HIS B 149 10.44 -17.09 12.30
N ILE B 150 10.47 -18.23 12.98
CA ILE B 150 10.72 -19.51 12.34
C ILE B 150 9.49 -20.38 12.51
N TYR B 151 8.96 -20.90 11.39
CA TYR B 151 7.75 -21.70 11.38
C TYR B 151 8.02 -23.10 10.86
N ASP B 152 7.24 -24.05 11.34
CA ASP B 152 7.23 -25.40 10.81
C ASP B 152 6.33 -25.46 9.58
N ILE B 153 6.82 -26.09 8.52
CA ILE B 153 6.06 -26.12 7.27
C ILE B 153 4.79 -26.96 7.42
N GLN B 154 4.86 -28.04 8.19
CA GLN B 154 3.72 -28.95 8.26
C GLN B 154 2.60 -28.34 9.10
N THR B 155 2.90 -27.93 10.33
CA THR B 155 1.89 -27.39 11.22
C THR B 155 1.67 -25.89 11.06
N GLY B 156 2.60 -25.17 10.44
CA GLY B 156 2.53 -23.72 10.44
C GLY B 156 2.82 -23.07 11.77
N ASN B 157 3.08 -23.84 12.83
CA ASN B 157 3.33 -23.27 14.15
C ASN B 157 4.60 -22.44 14.15
N LYS B 158 4.58 -21.36 14.92
CA LYS B 158 5.80 -20.60 15.18
C LYS B 158 6.67 -21.38 16.15
N LEU B 159 7.84 -21.83 15.68
CA LEU B 159 8.75 -22.58 16.54
C LEU B 159 9.62 -21.65 17.37
N LEU B 160 10.01 -20.51 16.82
CA LEU B 160 10.99 -19.64 17.46
C LEU B 160 10.75 -18.21 17.07
N THR B 161 10.98 -17.29 18.00
CA THR B 161 11.13 -15.89 17.71
C THR B 161 12.54 -15.49 18.12
N LEU B 162 13.27 -14.88 17.19
CA LEU B 162 14.64 -14.42 17.46
C LEU B 162 14.64 -12.91 17.44
N PHE B 163 14.87 -12.31 18.61
CA PHE B 163 14.99 -10.86 18.72
C PHE B 163 15.62 -10.53 20.05
N ASN B 164 16.56 -9.60 20.02
CA ASN B 164 17.17 -9.07 21.22
C ASN B 164 17.31 -7.57 21.06
N PRO B 165 16.57 -6.77 21.82
CA PRO B 165 16.58 -5.32 21.58
C PRO B 165 17.92 -4.67 21.87
N ASP B 166 18.72 -5.25 22.75
CA ASP B 166 20.04 -4.68 23.02
C ASP B 166 21.00 -4.92 21.87
N LEU B 167 20.85 -6.03 21.14
CA LEU B 167 21.76 -6.33 20.04
C LEU B 167 21.27 -5.80 18.70
N ALA B 168 20.03 -5.36 18.59
CA ALA B 168 19.47 -5.00 17.30
C ALA B 168 20.29 -3.91 16.62
N ASN B 169 20.36 -3.99 15.30
CA ASN B 169 20.88 -2.92 14.47
C ASN B 169 19.78 -2.08 13.84
N ASN B 170 18.54 -2.56 13.85
CA ASN B 170 17.40 -1.82 13.29
C ASN B 170 17.58 -1.54 11.80
N TYR B 171 18.12 -2.51 11.06
CA TYR B 171 18.26 -2.30 9.61
C TYR B 171 16.89 -2.07 8.98
N LYS B 172 16.79 -1.05 8.13
CA LYS B 172 15.47 -0.69 7.60
C LYS B 172 14.93 -1.72 6.63
N ARG B 173 15.80 -2.46 5.92
CA ARG B 173 15.35 -3.55 5.05
C ARG B 173 15.84 -4.89 5.58
N ASN B 174 15.83 -5.06 6.90
CA ASN B 174 16.24 -6.31 7.50
C ASN B 174 15.52 -7.48 6.84
N CYS B 175 16.28 -8.54 6.55
CA CYS B 175 15.72 -9.82 6.10
C CYS B 175 16.42 -10.93 6.85
N ALA B 176 15.67 -11.68 7.65
CA ALA B 176 16.19 -12.83 8.36
C ALA B 176 16.38 -14.00 7.40
N THR B 177 17.42 -14.80 7.63
CA THR B 177 17.81 -15.83 6.67
C THR B 177 18.56 -16.95 7.39
N PHE B 178 18.35 -18.19 6.95
CA PHE B 178 19.09 -19.35 7.43
C PHE B 178 20.44 -19.46 6.72
N ASN B 179 21.42 -20.08 7.38
CA ASN B 179 22.66 -20.46 6.70
C ASN B 179 22.44 -21.78 5.96
N PRO B 180 23.39 -22.21 5.13
CA PRO B 180 23.13 -23.37 4.27
C PRO B 180 22.75 -24.65 5.02
N THR B 181 23.24 -24.85 6.24
CA THR B 181 22.88 -26.05 6.98
C THR B 181 21.78 -25.83 8.01
N ASP B 182 21.15 -24.66 7.99
CA ASP B 182 19.96 -24.35 8.79
C ASP B 182 20.21 -24.30 10.29
N ASP B 183 21.47 -24.40 10.73
CA ASP B 183 21.80 -24.36 12.15
C ASP B 183 22.04 -22.94 12.66
N LEU B 184 22.21 -21.97 11.77
CA LEU B 184 22.42 -20.57 12.14
C LEU B 184 21.40 -19.70 11.43
N VAL B 185 21.12 -18.54 12.04
CA VAL B 185 20.28 -17.53 11.42
C VAL B 185 21.02 -16.21 11.48
N LEU B 186 20.94 -15.44 10.40
CA LEU B 186 21.34 -14.05 10.40
C LEU B 186 20.07 -13.22 10.44
N ASN B 187 19.92 -12.39 11.46
CA ASN B 187 18.77 -11.50 11.59
C ASN B 187 19.25 -10.14 12.09
N ASP B 188 19.02 -9.10 11.28
CA ASP B 188 19.33 -7.74 11.67
C ASP B 188 20.81 -7.56 12.01
N GLY B 189 21.68 -8.27 11.29
CA GLY B 189 23.10 -8.21 11.58
C GLY B 189 23.54 -8.96 12.82
N VAL B 190 22.68 -9.81 13.38
CA VAL B 190 23.01 -10.61 14.55
C VAL B 190 22.99 -12.08 14.14
N LEU B 191 24.04 -12.80 14.51
CA LEU B 191 24.14 -14.22 14.21
C LEU B 191 23.55 -15.03 15.36
N TRP B 192 22.60 -15.90 15.05
CA TRP B 192 21.91 -16.69 16.06
C TRP B 192 22.21 -18.16 15.89
N ASP B 193 22.45 -18.84 17.02
CA ASP B 193 22.46 -20.29 17.05
C ASP B 193 21.03 -20.78 17.19
N VAL B 194 20.55 -21.54 16.20
CA VAL B 194 19.14 -21.89 16.16
C VAL B 194 18.79 -22.89 17.27
N ARG B 195 19.58 -23.95 17.41
CA ARG B 195 19.26 -25.00 18.37
C ARG B 195 19.12 -24.43 19.77
N SER B 196 19.99 -23.50 20.17
CA SER B 196 19.90 -22.91 21.49
C SER B 196 19.12 -21.60 21.52
N ALA B 197 18.72 -21.08 20.37
CA ALA B 197 18.03 -19.78 20.30
C ALA B 197 18.83 -18.69 21.01
N GLN B 198 20.15 -18.72 20.84
CA GLN B 198 21.04 -17.73 21.46
C GLN B 198 21.79 -16.93 20.41
N ALA B 199 21.87 -15.61 20.65
CA ALA B 199 22.71 -14.76 19.81
C ALA B 199 24.16 -15.05 20.12
N ILE B 200 24.94 -15.37 19.08
CA ILE B 200 26.35 -15.68 19.28
C ILE B 200 27.26 -14.55 18.81
N HIS B 201 26.77 -13.60 18.03
CA HIS B 201 27.64 -12.51 17.60
C HIS B 201 26.80 -11.42 16.94
N LYS B 202 27.09 -10.17 17.27
CA LYS B 202 26.48 -9.03 16.59
C LYS B 202 27.53 -8.38 15.70
N PHE B 203 27.23 -8.26 14.42
CA PHE B 203 28.11 -7.52 13.52
C PHE B 203 27.78 -6.04 13.58
N ASP B 204 28.82 -5.21 13.61
CA ASP B 204 28.62 -3.76 13.69
C ASP B 204 27.85 -3.24 12.49
N LYS B 205 27.14 -2.14 12.71
CA LYS B 205 26.26 -1.54 11.71
C LYS B 205 27.03 -0.51 10.90
N PHE B 206 27.17 -0.75 9.59
CA PHE B 206 27.88 0.18 8.71
C PHE B 206 27.00 0.69 7.56
N ASN B 207 25.68 0.47 7.61
CA ASN B 207 24.77 1.05 6.64
C ASN B 207 23.38 1.01 7.27
N MET B 208 22.44 1.71 6.62
CA MET B 208 21.10 1.88 7.21
C MET B 208 20.10 0.78 6.87
N ASN B 209 20.35 -0.04 5.84
CA ASN B 209 19.28 -0.82 5.24
C ASN B 209 19.52 -2.32 5.18
N ILE B 210 20.72 -2.73 4.76
CA ILE B 210 21.00 -4.12 4.40
C ILE B 210 21.53 -4.87 5.62
N SER B 211 20.89 -5.99 5.94
CA SER B 211 21.26 -6.77 7.10
C SER B 211 22.17 -7.97 6.78
N GLY B 212 22.28 -8.39 5.53
CA GLY B 212 23.28 -9.37 5.13
C GLY B 212 22.73 -10.77 4.90
N VAL B 213 23.56 -11.59 4.27
CA VAL B 213 23.22 -12.96 3.91
C VAL B 213 24.43 -13.87 4.13
N PHE B 214 24.16 -15.17 4.19
CA PHE B 214 25.23 -16.17 4.22
C PHE B 214 25.76 -16.45 2.83
N HIS B 215 27.08 -16.57 2.71
CA HIS B 215 27.67 -17.12 1.49
C HIS B 215 27.33 -18.61 1.42
N PRO B 216 27.09 -19.16 0.23
CA PRO B 216 26.76 -20.59 0.14
C PRO B 216 27.84 -21.52 0.67
N ASN B 217 29.08 -21.06 0.83
CA ASN B 217 30.12 -21.93 1.40
C ASN B 217 29.96 -22.14 2.90
N GLY B 218 29.07 -21.39 3.56
CA GLY B 218 28.82 -21.59 4.97
C GLY B 218 29.86 -21.01 5.90
N LEU B 219 30.86 -20.30 5.37
CA LEU B 219 31.98 -19.85 6.20
C LEU B 219 32.17 -18.33 6.21
N GLU B 220 31.35 -17.59 5.46
CA GLU B 220 31.43 -16.13 5.38
C GLU B 220 30.02 -15.56 5.36
N VAL B 221 29.88 -14.33 5.84
CA VAL B 221 28.64 -13.58 5.67
C VAL B 221 28.93 -12.32 4.87
N ILE B 222 27.98 -11.96 4.01
CA ILE B 222 28.05 -10.78 3.17
C ILE B 222 27.04 -9.78 3.71
N ILE B 223 27.52 -8.73 4.35
CA ILE B 223 26.66 -7.75 5.00
C ILE B 223 26.97 -6.42 4.33
N ASN B 224 26.20 -6.10 3.29
CA ASN B 224 26.39 -4.89 2.50
C ASN B 224 27.80 -4.96 1.92
N THR B 225 28.67 -3.98 2.16
CA THR B 225 30.03 -3.97 1.62
C THR B 225 31.03 -4.79 2.41
N GLU B 226 30.63 -5.45 3.51
CA GLU B 226 31.56 -6.14 4.39
C GLU B 226 31.41 -7.64 4.23
N ILE B 227 32.53 -8.33 3.98
CA ILE B 227 32.58 -9.79 4.01
C ILE B 227 33.26 -10.19 5.31
N TRP B 228 32.52 -10.81 6.22
CA TRP B 228 33.07 -11.23 7.51
C TRP B 228 33.33 -12.73 7.52
N ASP B 229 34.46 -13.13 8.10
CA ASP B 229 34.78 -14.54 8.27
C ASP B 229 34.01 -15.11 9.46
N LEU B 230 33.28 -16.20 9.24
CA LEU B 230 32.57 -16.85 10.34
C LEU B 230 33.48 -17.67 11.24
N ARG B 231 34.71 -17.97 10.81
CA ARG B 231 35.66 -18.69 11.68
C ARG B 231 36.29 -17.76 12.72
N THR B 232 36.44 -16.49 12.37
CA THR B 232 37.18 -15.54 13.20
C THR B 232 36.48 -14.20 13.38
N PHE B 233 35.48 -13.88 12.57
CA PHE B 233 34.84 -12.56 12.55
C PHE B 233 35.78 -11.47 12.08
N HIS B 234 36.88 -11.83 11.41
CA HIS B 234 37.71 -10.84 10.75
C HIS B 234 37.05 -10.37 9.45
N LEU B 235 37.40 -9.14 9.04
CA LEU B 235 36.96 -8.60 7.76
C LEU B 235 37.83 -9.21 6.67
N LEU B 236 37.22 -10.06 5.84
CA LEU B 236 37.91 -10.67 4.69
C LEU B 236 37.97 -9.75 3.48
N HIS B 237 36.88 -9.03 3.19
CA HIS B 237 36.84 -8.21 1.98
C HIS B 237 36.03 -6.96 2.22
N THR B 238 36.44 -5.90 1.53
CA THR B 238 35.63 -4.70 1.35
C THR B 238 35.19 -4.68 -0.10
N VAL B 239 33.89 -4.68 -0.35
CA VAL B 239 33.40 -4.75 -1.73
C VAL B 239 32.47 -3.57 -1.96
N PRO B 240 33.00 -2.41 -2.31
CA PRO B 240 32.15 -1.21 -2.38
C PRO B 240 30.97 -1.38 -3.30
N ALA B 241 31.13 -2.15 -4.38
CA ALA B 241 30.06 -2.31 -5.36
C ALA B 241 28.85 -3.02 -4.81
N LEU B 242 28.94 -3.68 -3.64
CA LEU B 242 27.81 -4.40 -3.07
C LEU B 242 26.92 -3.51 -2.22
N ASP B 243 27.18 -2.21 -2.17
CA ASP B 243 26.43 -1.31 -1.30
C ASP B 243 24.96 -1.28 -1.74
N GLN B 244 24.06 -1.52 -0.79
CA GLN B 244 22.63 -1.46 -1.04
C GLN B 244 22.17 -2.53 -2.04
N CYS B 245 22.91 -3.62 -2.14
CA CYS B 245 22.62 -4.67 -3.10
C CYS B 245 21.92 -5.85 -2.45
N ARG B 246 21.04 -6.47 -3.20
CA ARG B 246 20.59 -7.83 -2.97
C ARG B 246 21.40 -8.74 -3.88
N VAL B 247 21.62 -9.97 -3.44
CA VAL B 247 22.49 -10.87 -4.19
C VAL B 247 21.83 -12.23 -4.34
N VAL B 248 22.22 -12.94 -5.39
CA VAL B 248 21.89 -14.35 -5.53
C VAL B 248 23.06 -15.05 -6.19
N PHE B 249 23.26 -16.32 -5.84
CA PHE B 249 24.36 -17.12 -6.36
C PHE B 249 23.85 -18.11 -7.39
N ASN B 250 24.70 -18.42 -8.38
CA ASN B 250 24.42 -19.58 -9.20
C ASN B 250 24.45 -20.83 -8.31
N HIS B 251 24.00 -21.95 -8.87
CA HIS B 251 23.77 -23.12 -8.04
C HIS B 251 25.05 -23.88 -7.72
N THR B 252 26.14 -23.62 -8.43
CA THR B 252 27.42 -24.16 -8.02
C THR B 252 28.10 -23.31 -6.95
N GLY B 253 27.65 -22.08 -6.73
CA GLY B 253 28.29 -21.21 -5.77
C GLY B 253 29.53 -20.53 -6.26
N THR B 254 29.71 -20.40 -7.58
CA THR B 254 30.91 -19.79 -8.13
C THR B 254 30.70 -18.37 -8.64
N VAL B 255 29.46 -17.97 -8.85
CA VAL B 255 29.16 -16.62 -9.32
C VAL B 255 28.08 -16.02 -8.45
N MET B 256 28.20 -14.72 -8.20
CA MET B 256 27.24 -13.97 -7.39
C MET B 256 26.68 -12.84 -8.26
N TYR B 257 25.36 -12.77 -8.36
CA TYR B 257 24.70 -11.62 -8.99
C TYR B 257 24.34 -10.61 -7.93
N GLY B 258 24.54 -9.33 -8.24
CA GLY B 258 24.16 -8.28 -7.32
C GLY B 258 23.52 -7.12 -8.05
N ALA B 259 22.45 -6.57 -7.48
CA ALA B 259 21.81 -5.40 -8.05
C ALA B 259 21.49 -4.42 -6.93
N MET B 260 21.68 -3.14 -7.21
CA MET B 260 21.55 -2.11 -6.20
C MET B 260 20.10 -1.65 -6.06
N LEU B 261 19.60 -1.65 -4.83
CA LEU B 261 18.32 -1.02 -4.56
C LEU B 261 18.35 0.45 -4.99
N GLN B 262 17.19 0.95 -5.43
CA GLN B 262 17.03 2.38 -5.62
C GLN B 262 16.84 3.05 -4.26
N ALA B 263 17.61 4.10 -4.00
CA ALA B 263 17.69 4.66 -2.65
C ALA B 263 16.44 5.42 -2.26
N ASP B 264 16.61 6.58 -1.64
CA ASP B 264 15.49 7.45 -1.29
C ASP B 264 15.78 8.85 -1.81
N LYS B 275 7.97 3.40 -7.21
CA LYS B 275 9.33 3.32 -7.74
C LYS B 275 9.89 1.89 -7.80
N SER B 276 10.69 1.59 -8.82
CA SER B 276 11.26 0.26 -9.00
C SER B 276 12.11 -0.14 -7.79
N PRO B 277 12.11 -1.42 -7.41
CA PRO B 277 12.99 -1.83 -6.31
C PRO B 277 14.47 -1.66 -6.63
N PHE B 278 14.88 -1.97 -7.86
CA PHE B 278 16.29 -1.90 -8.21
C PHE B 278 16.53 -0.86 -9.30
N GLY B 279 17.81 -0.54 -9.50
CA GLY B 279 18.24 0.27 -10.62
C GLY B 279 18.26 -0.54 -11.91
N SER B 280 18.93 0.02 -12.92
CA SER B 280 18.89 -0.56 -14.26
C SER B 280 20.04 -1.50 -14.54
N SER B 281 20.91 -1.77 -13.57
CA SER B 281 22.07 -2.61 -13.79
C SER B 281 22.17 -3.68 -12.71
N PHE B 282 22.77 -4.81 -13.08
CA PHE B 282 23.23 -5.78 -12.11
C PHE B 282 24.66 -6.14 -12.45
N ARG B 283 25.34 -6.81 -11.53
CA ARG B 283 26.75 -7.14 -11.69
C ARG B 283 27.00 -8.57 -11.24
N THR B 284 27.91 -9.25 -11.92
CA THR B 284 28.36 -10.55 -11.50
C THR B 284 29.73 -10.44 -10.85
N PHE B 285 29.99 -11.32 -9.89
CA PHE B 285 31.24 -11.35 -9.16
C PHE B 285 31.72 -12.78 -9.05
N ASN B 286 33.03 -12.95 -9.08
CA ASN B 286 33.62 -14.21 -8.67
C ASN B 286 33.24 -14.48 -7.21
N ALA B 287 32.59 -15.62 -6.96
CA ALA B 287 32.10 -15.91 -5.61
C ALA B 287 33.21 -16.27 -4.63
N THR B 288 34.43 -16.54 -5.10
CA THR B 288 35.52 -16.88 -4.20
C THR B 288 36.28 -15.65 -3.71
N ASP B 289 36.57 -14.70 -4.59
CA ASP B 289 37.38 -13.54 -4.24
C ASP B 289 36.63 -12.23 -4.46
N TYR B 290 35.35 -12.28 -4.80
CA TYR B 290 34.51 -11.10 -4.98
C TYR B 290 35.02 -10.15 -6.05
N LYS B 291 35.94 -10.58 -6.91
CA LYS B 291 36.37 -9.69 -7.99
C LYS B 291 35.28 -9.62 -9.05
N PRO B 292 35.03 -8.44 -9.62
CA PRO B 292 33.94 -8.31 -10.59
C PRO B 292 34.20 -9.14 -11.84
N ILE B 293 33.11 -9.62 -12.44
CA ILE B 293 33.14 -10.31 -13.72
C ILE B 293 32.53 -9.43 -14.79
N ALA B 294 31.23 -9.14 -14.67
CA ALA B 294 30.52 -8.37 -15.66
C ALA B 294 29.62 -7.34 -15.00
N THR B 295 29.41 -6.23 -15.70
CA THR B 295 28.41 -5.23 -15.34
C THR B 295 27.43 -5.11 -16.49
N ILE B 296 26.15 -5.37 -16.22
CA ILE B 296 25.11 -5.42 -17.24
C ILE B 296 24.11 -4.31 -16.96
N ASP B 297 23.99 -3.38 -17.89
CA ASP B 297 23.04 -2.27 -17.76
C ASP B 297 21.92 -2.50 -18.79
N VAL B 298 20.78 -3.01 -18.33
CA VAL B 298 19.67 -3.26 -19.26
C VAL B 298 18.90 -2.00 -19.60
N LYS B 299 19.31 -0.85 -19.07
CA LYS B 299 18.73 0.46 -19.40
C LYS B 299 17.27 0.58 -18.99
N ARG B 300 16.73 -0.41 -18.29
CA ARG B 300 15.43 -0.35 -17.68
C ARG B 300 15.57 -0.72 -16.20
N ASN B 301 14.76 -0.11 -15.35
CA ASN B 301 14.83 -0.42 -13.93
C ASN B 301 14.39 -1.86 -13.69
N ILE B 302 15.03 -2.52 -12.73
CA ILE B 302 14.84 -3.95 -12.49
C ILE B 302 13.93 -4.15 -11.29
N PHE B 303 13.02 -5.13 -11.41
CA PHE B 303 12.14 -5.55 -10.32
C PHE B 303 12.59 -6.85 -9.66
N ASP B 304 13.18 -7.76 -10.42
CA ASP B 304 13.57 -9.05 -9.88
C ASP B 304 14.48 -9.74 -10.90
N LEU B 305 15.21 -10.74 -10.43
CA LEU B 305 15.89 -11.65 -11.34
C LEU B 305 16.10 -12.99 -10.65
N CYS B 306 16.29 -14.02 -11.47
CA CYS B 306 16.44 -15.37 -10.96
C CYS B 306 17.14 -16.19 -12.03
N THR B 307 17.67 -17.34 -11.62
CA THR B 307 18.28 -18.29 -12.54
C THR B 307 17.65 -19.66 -12.32
N ASP B 308 17.83 -20.53 -13.31
CA ASP B 308 17.30 -21.88 -13.25
C ASP B 308 18.32 -22.79 -12.56
N THR B 309 17.85 -23.98 -12.17
CA THR B 309 18.69 -24.87 -11.38
C THR B 309 20.01 -25.20 -12.09
N LYS B 310 19.98 -25.24 -13.41
CA LYS B 310 21.16 -25.55 -14.21
C LYS B 310 21.97 -24.32 -14.58
N ASP B 311 21.51 -23.12 -14.21
CA ASP B 311 22.24 -21.91 -14.55
C ASP B 311 22.42 -21.73 -16.05
N CYS B 312 21.44 -22.19 -16.84
CA CYS B 312 21.44 -21.90 -18.26
C CYS B 312 20.86 -20.54 -18.57
N TYR B 313 19.94 -20.07 -17.72
CA TYR B 313 19.12 -18.93 -18.01
C TYR B 313 19.07 -17.97 -16.84
N LEU B 314 18.95 -16.69 -17.17
CA LEU B 314 18.65 -15.64 -16.22
C LEU B 314 17.33 -15.00 -16.65
N ALA B 315 16.36 -14.95 -15.76
CA ALA B 315 15.13 -14.20 -16.04
C ALA B 315 15.16 -12.92 -15.24
N VAL B 316 14.83 -11.80 -15.89
CA VAL B 316 14.86 -10.48 -15.28
C VAL B 316 13.54 -9.77 -15.58
N ILE B 317 12.93 -9.18 -14.55
CA ILE B 317 11.76 -8.34 -14.75
C ILE B 317 12.24 -6.91 -14.93
N GLU B 318 11.93 -6.32 -16.08
CA GLU B 318 12.42 -5.01 -16.48
C GLU B 318 11.26 -4.09 -16.78
N ASN B 319 11.35 -2.87 -16.27
CA ASN B 319 10.28 -1.90 -16.42
C ASN B 319 10.51 -1.06 -17.68
N GLN B 320 9.59 -1.13 -18.64
CA GLN B 320 9.62 -0.27 -19.82
C GLN B 320 9.14 1.14 -19.52
N GLY B 321 8.36 1.31 -18.45
CA GLY B 321 7.79 2.60 -18.08
C GLY B 321 8.73 3.77 -18.21
N SER B 322 8.26 4.84 -18.87
CA SER B 322 9.11 5.96 -19.19
C SER B 322 9.44 6.83 -17.98
N MET B 323 8.68 6.70 -16.89
CA MET B 323 8.91 7.42 -15.66
C MET B 323 9.06 6.44 -14.50
N ASP B 324 9.79 5.36 -14.75
CA ASP B 324 10.02 4.30 -13.75
C ASP B 324 8.65 3.77 -13.32
N ALA B 325 8.35 3.72 -12.01
CA ALA B 325 7.20 2.99 -11.50
C ALA B 325 5.93 3.81 -11.45
N LEU B 326 5.98 5.10 -11.79
CA LEU B 326 4.75 5.86 -12.00
C LEU B 326 3.84 5.13 -12.98
N ASN B 327 4.31 4.99 -14.21
CA ASN B 327 3.62 4.20 -15.23
C ASN B 327 4.36 2.88 -15.39
N MET B 328 4.22 2.04 -14.38
CA MET B 328 4.85 0.72 -14.42
C MET B 328 4.36 -0.07 -15.62
N ASP B 329 5.30 -0.66 -16.37
CA ASP B 329 4.96 -1.45 -17.55
C ASP B 329 6.07 -2.48 -17.77
N THR B 330 6.02 -3.58 -17.04
CA THR B 330 7.19 -4.45 -16.98
C THR B 330 7.14 -5.55 -18.03
N VAL B 331 8.32 -5.98 -18.45
CA VAL B 331 8.47 -7.19 -19.26
C VAL B 331 9.40 -8.13 -18.52
N CYS B 332 9.32 -9.39 -18.89
CA CYS B 332 10.27 -10.41 -18.47
C CYS B 332 11.19 -10.72 -19.64
N ARG B 333 12.49 -10.54 -19.44
CA ARG B 333 13.50 -10.90 -20.41
C ARG B 333 14.23 -12.14 -19.93
N LEU B 334 14.38 -13.11 -20.82
CA LEU B 334 15.13 -14.32 -20.58
C LEU B 334 16.48 -14.20 -21.28
N TYR B 335 17.56 -14.36 -20.53
CA TYR B 335 18.91 -14.24 -21.04
C TYR B 335 19.61 -15.59 -20.93
N GLU B 336 20.46 -15.85 -21.90
CA GLU B 336 21.31 -17.03 -21.85
C GLU B 336 22.54 -16.71 -21.02
N VAL B 337 22.82 -17.57 -20.05
CA VAL B 337 24.03 -17.42 -19.25
C VAL B 337 25.18 -18.12 -19.99
N GLY B 338 26.10 -17.35 -20.55
CA GLY B 338 27.31 -17.89 -21.15
C GLY B 338 28.30 -18.38 -20.09
#